data_3BBT
#
_entry.id   3BBT
#
_cell.length_a   102.682
_cell.length_b   102.682
_cell.length_c   185.124
_cell.angle_alpha   90.000
_cell.angle_beta   90.000
_cell.angle_gamma   120.000
#
_symmetry.space_group_name_H-M   'P 61'
#
loop_
_entity.id
_entity.type
_entity.pdbx_description
1 polymer 'Receptor tyrosine-protein kinase erbB-4'
2 non-polymer N-{3-CHLORO-4-[(3-FLUOROBENZYL)OXY]PHENYL}-6-[5-({[2-(METHYLSULFONYL)ETHYL]AMINO}METHYL)-2-FURYL]-4-QUINAZOLINAMINE
3 water water
#
_entity_poly.entity_id   1
_entity_poly.type   'polypeptide(L)'
_entity_poly.pdbx_seq_one_letter_code
;GTAPNQAQLRILKETELKRVKVLGSGAFGTVYKGIWVPEGETVKIPVAIKILNETTGPKANVEFMDEALIMASMDHPHLV
RLLGVCLSPTIQLVTQLMPHGCLLEYVHEHKDNIGSQLLLNWCVQIAKGMMYLEERRLVHRDLAARNVLVKSPNHVKITD
FGLARLLEGDEKEYNADGGKMPIKWMALECIHYRKFTHQSDVWSYGVTIWELMTFGGKPYDGIPTREIPDLLEKGERLPQ
PPICTIDVYMVMVKCWMIDADSRPKFKELAAEFSRMARDPQRYLVIQGDDRMKLPSPNDSKFFQNLLDEEDLEDMMDAEE
YLVPQAFN
;
_entity_poly.pdbx_strand_id   B,D
#
loop_
_chem_comp.id
_chem_comp.type
_chem_comp.name
_chem_comp.formula
FMM non-polymer N-{3-CHLORO-4-[(3-FLUOROBENZYL)OXY]PHENYL}-6-[5-({[2-(METHYLSULFONYL)ETHYL]AMINO}METHYL)-2-FURYL]-4-QUINAZOLINAMINE 'C29 H26 Cl F N4 O4 S'
#
# COMPACT_ATOMS: atom_id res chain seq x y z
N ALA A 7 -9.37 16.29 7.47
CA ALA A 7 -8.48 15.48 8.34
C ALA A 7 -8.97 15.50 9.79
N GLN A 8 -9.26 14.31 10.33
CA GLN A 8 -9.85 14.19 11.65
C GLN A 8 -9.10 13.22 12.57
N LEU A 9 -8.80 13.69 13.78
CA LEU A 9 -8.15 12.88 14.80
C LEU A 9 -9.19 12.32 15.77
N ARG A 10 -9.08 11.03 16.10
CA ARG A 10 -9.95 10.41 17.08
C ARG A 10 -9.40 10.57 18.49
N ILE A 11 -10.26 10.93 19.42
CA ILE A 11 -9.90 11.04 20.83
C ILE A 11 -10.55 9.91 21.60
N LEU A 12 -9.74 8.98 22.09
CA LEU A 12 -10.24 7.76 22.73
C LEU A 12 -10.22 7.85 24.25
N LYS A 13 -11.24 7.25 24.88
CA LYS A 13 -11.34 7.17 26.33
C LYS A 13 -10.31 6.19 26.89
N GLU A 14 -9.88 6.42 28.13
CA GLU A 14 -8.96 5.54 28.84
C GLU A 14 -9.54 4.13 28.96
N THR A 15 -10.84 4.07 29.29
CA THR A 15 -11.58 2.82 29.46
C THR A 15 -11.87 2.12 28.13
N GLU A 16 -11.86 2.88 27.04
CA GLU A 16 -12.08 2.34 25.69
C GLU A 16 -10.87 1.57 25.16
N LEU A 17 -9.72 1.77 25.81
CA LEU A 17 -8.48 1.08 25.44
C LEU A 17 -8.06 0.11 26.54
N LYS A 18 -7.84 -1.15 26.17
CA LYS A 18 -7.41 -2.18 27.11
C LYS A 18 -6.14 -2.88 26.63
N ARG A 19 -5.10 -2.83 27.46
CA ARG A 19 -3.82 -3.43 27.13
C ARG A 19 -3.90 -4.93 27.28
N VAL A 20 -3.02 -5.63 26.57
CA VAL A 20 -2.85 -7.05 26.78
C VAL A 20 -1.43 -7.38 27.21
N LYS A 21 -0.46 -6.76 26.57
CA LYS A 21 0.91 -7.18 26.75
C LYS A 21 1.87 -6.21 26.11
N VAL A 22 3.12 -6.26 26.56
CA VAL A 22 4.14 -5.36 26.03
C VAL A 22 4.82 -5.98 24.81
N LEU A 23 4.95 -5.18 23.75
CA LEU A 23 5.64 -5.62 22.51
C LEU A 23 7.09 -5.14 22.48
N GLY A 24 7.32 -3.94 23.00
CA GLY A 24 8.66 -3.35 23.05
C GLY A 24 8.65 -1.91 23.52
N SER A 25 9.73 -1.52 24.20
CA SER A 25 9.88 -0.15 24.70
C SER A 25 11.18 0.50 24.24
N GLY A 26 11.07 1.68 23.66
CA GLY A 26 12.23 2.42 23.17
C GLY A 26 12.63 3.57 24.08
N ALA A 27 13.37 4.52 23.52
CA ALA A 27 13.82 5.71 24.25
C ALA A 27 12.67 6.70 24.46
N PHE A 28 11.71 6.69 23.55
CA PHE A 28 10.56 7.58 23.60
C PHE A 28 9.51 7.12 24.62
N GLY A 29 9.09 5.85 24.52
CA GLY A 29 8.10 5.31 25.43
C GLY A 29 7.99 3.80 25.41
N THR A 30 6.76 3.30 25.42
CA THR A 30 6.48 1.85 25.44
C THR A 30 5.32 1.54 24.50
N VAL A 31 5.45 0.43 23.76
CA VAL A 31 4.41 -0.01 22.83
C VAL A 31 3.66 -1.21 23.38
N TYR A 32 2.33 -1.07 23.48
CA TYR A 32 1.48 -2.14 23.98
C TYR A 32 0.61 -2.74 22.87
N LYS A 33 0.52 -4.07 22.86
CA LYS A 33 -0.50 -4.76 22.08
C LYS A 33 -1.79 -4.61 22.86
N GLY A 34 -2.78 -3.95 22.27
CA GLY A 34 -4.03 -3.67 22.96
C GLY A 34 -5.28 -3.96 22.17
N ILE A 35 -6.43 -3.76 22.83
CA ILE A 35 -7.73 -3.85 22.16
C ILE A 35 -8.52 -2.57 22.35
N TRP A 36 -9.21 -2.15 21.29
CA TRP A 36 -9.99 -0.92 21.29
C TRP A 36 -11.48 -1.21 21.08
N VAL A 37 -12.30 -0.71 21.99
CA VAL A 37 -13.75 -0.87 21.93
C VAL A 37 -14.51 0.44 21.73
N PRO A 38 -14.98 0.72 20.49
CA PRO A 38 -15.85 1.86 20.21
C PRO A 38 -17.17 1.76 20.96
N GLU A 39 -17.82 2.90 21.19
CA GLU A 39 -19.05 2.98 21.99
C GLU A 39 -20.05 1.85 21.69
N GLY A 40 -20.51 1.20 22.74
CA GLY A 40 -21.28 -0.03 22.62
C GLY A 40 -20.38 -1.22 22.89
N GLU A 41 -20.81 -2.40 22.47
CA GLU A 41 -20.02 -3.62 22.65
C GLU A 41 -20.20 -4.55 21.45
N THR A 42 -19.74 -4.10 20.28
CA THR A 42 -19.90 -4.84 19.03
C THR A 42 -18.58 -5.10 18.31
N VAL A 43 -17.68 -4.12 18.35
CA VAL A 43 -16.46 -4.14 17.55
C VAL A 43 -15.20 -4.07 18.42
N LYS A 44 -14.22 -4.91 18.13
CA LYS A 44 -12.91 -4.78 18.73
C LYS A 44 -11.82 -4.86 17.69
N ILE A 45 -10.58 -4.78 18.12
CA ILE A 45 -9.54 -4.21 17.30
C ILE A 45 -8.25 -4.15 18.08
N PRO A 46 -7.52 -5.26 18.04
CA PRO A 46 -6.24 -5.34 17.34
C PRO A 46 -5.67 -3.98 17.05
N VAL A 47 -5.11 -3.36 18.07
CA VAL A 47 -4.54 -2.04 17.93
C VAL A 47 -3.27 -1.94 18.75
N ALA A 48 -2.39 -1.06 18.34
CA ALA A 48 -1.12 -0.89 19.06
C ALA A 48 -1.15 0.45 19.79
N ILE A 49 -0.66 0.46 21.03
CA ILE A 49 -0.74 1.64 21.90
C ILE A 49 0.65 2.11 22.34
N LYS A 50 1.02 3.31 21.89
CA LYS A 50 2.31 3.91 22.21
C LYS A 50 2.17 4.89 23.38
N ILE A 51 2.64 4.48 24.55
CA ILE A 51 2.60 5.34 25.74
C ILE A 51 3.96 6.03 25.95
N LEU A 52 3.98 7.35 25.72
CA LEU A 52 5.20 8.13 25.88
C LEU A 52 5.41 8.53 27.35
N ASN A 53 6.63 8.35 27.83
CA ASN A 53 6.93 8.54 29.25
C ASN A 53 8.12 9.48 29.51
N GLU A 54 7.93 10.38 30.49
CA GLU A 54 8.99 11.28 30.94
C GLU A 54 9.26 11.14 32.44
N GLY A 57 5.47 13.67 28.99
CA GLY A 57 6.02 14.96 28.59
C GLY A 57 6.20 15.06 27.10
N PRO A 58 5.09 15.00 26.36
CA PRO A 58 4.35 16.20 25.99
C PRO A 58 2.94 16.15 26.54
N LYS A 59 2.26 17.27 26.49
CA LYS A 59 1.08 17.47 27.31
C LYS A 59 -0.12 17.88 26.47
N ALA A 60 -1.29 17.38 26.84
CA ALA A 60 -2.54 17.83 26.25
C ALA A 60 -2.48 19.32 26.02
N ASN A 61 -2.09 19.72 24.82
CA ASN A 61 -1.91 21.12 24.51
C ASN A 61 -2.47 21.46 23.17
N VAL A 62 -2.64 22.75 22.94
CA VAL A 62 -2.97 23.24 21.60
C VAL A 62 -1.81 22.90 20.66
N GLU A 63 -0.58 23.05 21.17
CA GLU A 63 0.63 22.68 20.44
C GLU A 63 0.67 21.19 20.11
N PHE A 64 0.31 20.35 21.09
CA PHE A 64 0.29 18.91 20.88
C PHE A 64 -0.77 18.50 19.86
N MET A 65 -2.02 18.88 20.13
CA MET A 65 -3.13 18.63 19.22
C MET A 65 -2.81 19.02 17.78
N ASP A 66 -2.17 20.18 17.62
CA ASP A 66 -1.78 20.71 16.31
C ASP A 66 -0.82 19.76 15.60
N GLU A 67 0.06 19.13 16.37
CA GLU A 67 1.04 18.17 15.83
C GLU A 67 0.40 16.81 15.54
N ALA A 68 -0.45 16.36 16.45
CA ALA A 68 -1.18 15.10 16.27
C ALA A 68 -2.06 15.14 15.01
N LEU A 69 -2.65 16.31 14.75
CA LEU A 69 -3.50 16.52 13.57
C LEU A 69 -2.74 16.50 12.25
N ILE A 70 -1.46 16.89 12.30
CA ILE A 70 -0.57 16.79 11.14
C ILE A 70 -0.22 15.33 10.85
N MET A 71 -0.04 14.55 11.92
CA MET A 71 0.23 13.12 11.80
C MET A 71 -0.98 12.30 11.41
N ALA A 72 -2.15 12.69 11.90
CA ALA A 72 -3.42 12.08 11.50
C ALA A 72 -3.71 12.34 10.02
N SER A 73 -3.19 13.45 9.49
CA SER A 73 -3.40 13.81 8.10
C SER A 73 -2.46 13.08 7.14
N MET A 74 -1.40 12.48 7.68
CA MET A 74 -0.46 11.72 6.85
C MET A 74 -1.12 10.44 6.34
N ASP A 75 -1.26 10.34 5.02
CA ASP A 75 -2.09 9.29 4.45
C ASP A 75 -1.46 8.69 3.21
N HIS A 76 -0.83 7.53 3.39
CA HIS A 76 -0.15 6.84 2.32
C HIS A 76 -0.49 5.37 2.36
N PRO A 77 -0.03 4.64 1.36
CA PRO A 77 0.01 3.19 1.41
C PRO A 77 1.09 2.65 2.33
N HIS A 78 2.20 3.35 2.42
CA HIS A 78 3.39 2.83 3.05
C HIS A 78 3.83 3.73 4.17
N LEU A 79 2.86 4.44 4.73
CA LEU A 79 2.95 5.08 6.04
C LEU A 79 1.86 4.50 6.93
N VAL A 80 2.18 4.30 8.20
CA VAL A 80 1.20 3.92 9.20
C VAL A 80 0.37 5.15 9.55
N ARG A 81 -0.95 4.99 9.55
CA ARG A 81 -1.83 6.09 9.93
C ARG A 81 -2.08 6.11 11.43
N LEU A 82 -2.05 7.30 12.02
CA LEU A 82 -2.42 7.46 13.43
C LEU A 82 -3.93 7.44 13.53
N LEU A 83 -4.48 6.35 14.06
CA LEU A 83 -5.93 6.20 14.19
C LEU A 83 -6.53 7.17 15.21
N GLY A 84 -5.96 7.18 16.42
CA GLY A 84 -6.42 8.09 17.46
C GLY A 84 -5.42 8.33 18.57
N VAL A 85 -5.83 9.11 19.57
CA VAL A 85 -4.98 9.47 20.71
C VAL A 85 -5.80 9.44 22.01
N CYS A 86 -5.19 8.94 23.08
CA CYS A 86 -5.74 9.04 24.44
C CYS A 86 -4.85 9.96 25.27
N LEU A 87 -5.45 10.63 26.26
CA LEU A 87 -4.77 11.68 27.03
C LEU A 87 -4.77 11.48 28.54
N SER A 88 -5.79 10.77 29.04
CA SER A 88 -6.15 10.81 30.46
C SER A 88 -5.11 10.44 31.52
N PRO A 89 -4.38 9.31 31.33
CA PRO A 89 -3.25 9.14 32.25
C PRO A 89 -2.06 9.93 31.73
N THR A 90 -1.52 9.49 30.59
CA THR A 90 -0.52 10.23 29.81
C THR A 90 -0.95 10.21 28.34
N ILE A 91 -0.13 10.78 27.46
CA ILE A 91 -0.44 10.78 26.03
C ILE A 91 -0.13 9.41 25.42
N GLN A 92 -1.15 8.81 24.80
CA GLN A 92 -1.03 7.49 24.18
C GLN A 92 -1.39 7.52 22.70
N LEU A 93 -0.45 7.10 21.85
CA LEU A 93 -0.67 7.09 20.41
C LEU A 93 -1.24 5.75 19.97
N VAL A 94 -2.40 5.78 19.30
CA VAL A 94 -3.09 4.56 18.91
C VAL A 94 -2.95 4.31 17.40
N THR A 95 -2.75 3.04 17.05
CA THR A 95 -2.36 2.63 15.72
C THR A 95 -2.86 1.21 15.47
N GLN A 96 -3.34 0.93 14.25
CA GLN A 96 -3.75 -0.42 13.86
C GLN A 96 -2.60 -1.40 14.07
N LEU A 97 -2.89 -2.57 14.60
CA LEU A 97 -1.88 -3.58 14.91
C LEU A 97 -1.35 -4.26 13.65
N MET A 98 -0.03 -4.23 13.49
CA MET A 98 0.66 -5.01 12.47
C MET A 98 1.11 -6.32 13.10
N PRO A 99 0.41 -7.43 12.77
CA PRO A 99 0.67 -8.72 13.44
C PRO A 99 2.00 -9.36 13.04
N HIS A 100 2.54 -8.99 11.88
CA HIS A 100 3.84 -9.48 11.44
C HIS A 100 5.00 -8.75 12.11
N GLY A 101 4.73 -7.59 12.70
CA GLY A 101 5.73 -6.82 13.43
C GLY A 101 6.64 -5.96 12.57
N CYS A 102 7.76 -5.53 13.14
CA CYS A 102 8.71 -4.65 12.45
C CYS A 102 9.56 -5.41 11.44
N LEU A 103 9.99 -4.71 10.40
CA LEU A 103 10.75 -5.32 9.30
C LEU A 103 12.09 -5.90 9.75
N LEU A 104 12.73 -5.27 10.72
CA LEU A 104 14.00 -5.72 11.28
C LEU A 104 13.90 -7.15 11.83
N GLU A 105 12.85 -7.41 12.60
CA GLU A 105 12.62 -8.72 13.19
C GLU A 105 12.22 -9.73 12.11
N TYR A 106 11.40 -9.27 11.17
CA TYR A 106 10.89 -10.09 10.06
C TYR A 106 12.01 -10.68 9.18
N VAL A 107 12.96 -9.83 8.77
CA VAL A 107 14.04 -10.26 7.86
C VAL A 107 15.03 -11.21 8.54
N HIS A 108 15.08 -11.18 9.86
CA HIS A 108 15.89 -12.13 10.60
C HIS A 108 15.20 -13.48 10.73
N GLU A 109 13.89 -13.45 10.98
CA GLU A 109 13.11 -14.67 11.19
C GLU A 109 12.86 -15.45 9.89
N HIS A 110 12.72 -14.74 8.78
CA HIS A 110 12.41 -15.38 7.50
C HIS A 110 13.57 -15.35 6.49
N LYS A 111 14.79 -15.18 7.03
CA LYS A 111 16.04 -15.12 6.26
C LYS A 111 16.10 -16.11 5.10
N ASP A 112 15.74 -17.36 5.37
CA ASP A 112 15.80 -18.43 4.37
C ASP A 112 14.64 -18.43 3.37
N ASN A 113 13.56 -17.72 3.69
CA ASN A 113 12.40 -17.63 2.80
C ASN A 113 12.06 -16.21 2.33
N ILE A 114 13.11 -15.43 2.07
CA ILE A 114 12.97 -14.10 1.47
C ILE A 114 13.85 -14.03 0.23
N GLY A 115 13.24 -13.67 -0.90
CA GLY A 115 13.96 -13.58 -2.16
C GLY A 115 14.27 -12.16 -2.58
N SER A 116 14.88 -12.04 -3.76
CA SER A 116 15.33 -10.76 -4.30
C SER A 116 14.21 -9.80 -4.64
N GLN A 117 13.05 -10.36 -5.02
CA GLN A 117 11.88 -9.57 -5.40
C GLN A 117 11.32 -8.78 -4.22
N LEU A 118 11.01 -9.48 -3.13
CA LEU A 118 10.53 -8.85 -1.90
C LEU A 118 11.48 -7.77 -1.38
N LEU A 119 12.78 -8.09 -1.34
CA LEU A 119 13.79 -7.19 -0.81
C LEU A 119 13.84 -5.90 -1.61
N LEU A 120 13.82 -6.02 -2.93
CA LEU A 120 13.80 -4.85 -3.80
C LEU A 120 12.47 -4.10 -3.73
N ASN A 121 11.37 -4.84 -3.55
CA ASN A 121 10.05 -4.24 -3.37
C ASN A 121 9.95 -3.41 -2.10
N TRP A 122 10.53 -3.90 -1.01
CA TRP A 122 10.55 -3.15 0.25
C TRP A 122 11.26 -1.81 0.09
N CYS A 123 12.39 -1.84 -0.63
CA CYS A 123 13.14 -0.63 -0.95
C CYS A 123 12.30 0.41 -1.68
N VAL A 124 11.52 -0.05 -2.67
CA VAL A 124 10.65 0.84 -3.46
C VAL A 124 9.59 1.46 -2.58
N GLN A 125 9.00 0.64 -1.71
CA GLN A 125 7.90 1.06 -0.85
C GLN A 125 8.34 2.06 0.21
N ILE A 126 9.48 1.80 0.85
CA ILE A 126 10.02 2.68 1.88
C ILE A 126 10.36 4.03 1.25
N ALA A 127 10.93 4.02 0.05
CA ALA A 127 11.25 5.25 -0.69
C ALA A 127 9.99 6.02 -1.04
N LYS A 128 8.95 5.28 -1.42
CA LYS A 128 7.66 5.88 -1.75
C LYS A 128 7.03 6.54 -0.53
N GLY A 129 7.10 5.87 0.61
CA GLY A 129 6.62 6.43 1.86
C GLY A 129 7.35 7.72 2.20
N MET A 130 8.66 7.72 1.98
CA MET A 130 9.51 8.86 2.26
C MET A 130 9.25 10.02 1.31
N MET A 131 8.89 9.71 0.07
CA MET A 131 8.50 10.72 -0.92
C MET A 131 7.30 11.51 -0.42
N TYR A 132 6.29 10.78 0.06
CA TYR A 132 5.11 11.42 0.62
C TYR A 132 5.49 12.38 1.75
N LEU A 133 6.31 11.88 2.68
CA LEU A 133 6.83 12.66 3.80
C LEU A 133 7.57 13.90 3.34
N GLU A 134 8.42 13.76 2.31
CA GLU A 134 9.17 14.88 1.77
C GLU A 134 8.26 15.91 1.11
N GLU A 135 7.29 15.42 0.33
CA GLU A 135 6.32 16.29 -0.36
C GLU A 135 5.47 17.11 0.61
N ARG A 136 5.31 16.58 1.83
CA ARG A 136 4.55 17.25 2.87
C ARG A 136 5.46 17.98 3.85
N ARG A 137 6.77 17.89 3.60
CA ARG A 137 7.82 18.56 4.38
C ARG A 137 7.95 18.07 5.83
N LEU A 138 7.66 16.78 6.03
CA LEU A 138 7.81 16.15 7.33
C LEU A 138 9.06 15.27 7.32
N VAL A 139 10.05 15.68 8.08
CA VAL A 139 11.31 14.97 8.15
C VAL A 139 11.28 13.97 9.30
N HIS A 140 11.65 12.71 9.01
CA HIS A 140 11.35 11.61 9.91
C HIS A 140 12.35 11.52 11.05
N ARG A 141 13.63 11.71 10.72
CA ARG A 141 14.65 11.93 11.73
C ARG A 141 15.22 10.61 12.23
N ASP A 142 14.47 9.53 12.03
CA ASP A 142 14.75 8.27 12.69
C ASP A 142 14.27 7.09 11.85
N LEU A 143 14.58 7.13 10.55
CA LEU A 143 14.19 6.06 9.64
C LEU A 143 15.14 4.87 9.79
N ALA A 144 14.58 3.72 10.18
CA ALA A 144 15.34 2.49 10.39
C ALA A 144 14.41 1.30 10.17
N ALA A 145 15.01 0.12 9.99
CA ALA A 145 14.26 -1.11 9.77
C ALA A 145 13.27 -1.43 10.90
N ARG A 146 13.61 -0.99 12.11
CA ARG A 146 12.75 -1.16 13.29
C ARG A 146 11.52 -0.26 13.23
N ASN A 147 11.63 0.82 12.47
CA ASN A 147 10.54 1.78 12.31
C ASN A 147 9.76 1.59 11.01
N VAL A 148 10.02 0.48 10.34
CA VAL A 148 9.20 0.05 9.21
C VAL A 148 8.48 -1.23 9.64
N LEU A 149 7.15 -1.22 9.56
CA LEU A 149 6.33 -2.36 9.99
C LEU A 149 5.84 -3.20 8.81
N VAL A 150 5.42 -4.43 9.09
CA VAL A 150 5.01 -5.38 8.04
C VAL A 150 3.50 -5.69 8.08
N LYS A 151 2.76 -5.13 7.13
CA LYS A 151 1.33 -5.40 6.98
C LYS A 151 1.13 -6.79 6.35
N SER A 152 1.90 -7.08 5.32
CA SER A 152 1.94 -8.38 4.67
C SER A 152 3.30 -8.52 4.00
N PRO A 153 3.74 -9.77 3.69
CA PRO A 153 5.07 -9.96 3.10
C PRO A 153 5.43 -8.95 2.00
N ASN A 154 4.47 -8.61 1.14
CA ASN A 154 4.71 -7.67 0.04
C ASN A 154 4.10 -6.27 0.29
N HIS A 155 4.11 -5.84 1.54
CA HIS A 155 3.48 -4.59 1.95
C HIS A 155 3.97 -4.07 3.31
N VAL A 156 4.98 -3.20 3.26
CA VAL A 156 5.52 -2.56 4.46
C VAL A 156 5.09 -1.08 4.61
N LYS A 157 5.01 -0.62 5.86
CA LYS A 157 4.62 0.75 6.17
C LYS A 157 5.62 1.43 7.10
N ILE A 158 6.00 2.66 6.78
CA ILE A 158 6.90 3.44 7.65
C ILE A 158 6.12 4.01 8.83
N THR A 159 6.69 3.88 10.02
CA THR A 159 6.08 4.44 11.23
C THR A 159 7.04 5.34 12.01
N ASP A 160 6.52 6.00 13.04
CA ASP A 160 7.30 6.88 13.94
C ASP A 160 7.85 8.16 13.30
N PHE A 161 7.23 8.61 12.20
CA PHE A 161 7.63 9.85 11.54
C PHE A 161 7.30 11.08 12.37
N GLY A 162 8.24 12.01 12.42
CA GLY A 162 8.10 13.24 13.21
C GLY A 162 7.73 12.97 14.65
N LEU A 163 8.37 11.98 15.27
CA LEU A 163 8.12 11.65 16.66
C LEU A 163 8.90 12.59 17.59
N ALA A 164 9.96 13.19 17.05
CA ALA A 164 10.72 14.21 17.76
C ALA A 164 9.95 15.52 17.86
N ARG A 165 8.99 15.73 16.95
CA ARG A 165 8.08 16.88 17.01
C ARG A 165 7.19 16.78 18.26
N LEU A 166 7.14 15.59 18.84
CA LEU A 166 6.47 15.34 20.11
C LEU A 166 7.50 15.31 21.24
N LEU A 167 8.62 14.63 20.98
CA LEU A 167 9.72 14.51 21.95
C LEU A 167 11.08 14.70 21.30
N PRO A 182 20.08 7.09 17.98
CA PRO A 182 20.14 6.50 16.64
C PRO A 182 21.37 6.98 15.86
N ILE A 183 22.50 7.06 16.56
CA ILE A 183 23.78 7.54 16.02
C ILE A 183 24.21 6.82 14.74
N LYS A 184 24.08 5.50 14.74
CA LYS A 184 24.54 4.67 13.62
C LYS A 184 23.64 4.74 12.39
N TRP A 185 22.50 5.42 12.53
CA TRP A 185 21.59 5.68 11.41
C TRP A 185 21.66 7.16 10.98
N MET A 186 22.13 8.02 11.87
CA MET A 186 22.20 9.45 11.63
C MET A 186 23.31 9.86 10.66
N ALA A 187 23.02 10.89 9.86
CA ALA A 187 24.01 11.47 8.97
C ALA A 187 25.02 12.29 9.77
N LEU A 188 26.21 12.47 9.21
CA LEU A 188 27.29 13.16 9.90
C LEU A 188 26.94 14.60 10.27
N GLU A 189 26.16 15.27 9.43
CA GLU A 189 25.64 16.61 9.69
C GLU A 189 24.80 16.66 10.97
N CYS A 190 24.05 15.59 11.22
CA CYS A 190 23.13 15.53 12.35
C CYS A 190 23.83 15.23 13.67
N ILE A 191 24.92 14.46 13.59
CA ILE A 191 25.71 14.13 14.78
C ILE A 191 26.36 15.40 15.34
N HIS A 192 26.95 16.21 14.45
CA HIS A 192 27.66 17.42 14.85
C HIS A 192 26.75 18.64 15.04
N TYR A 193 26.02 19.01 14.00
CA TYR A 193 25.26 20.26 13.97
C TYR A 193 23.75 20.09 14.18
N ARG A 194 23.31 18.84 14.30
CA ARG A 194 21.88 18.50 14.48
C ARG A 194 20.96 19.05 13.40
N LYS A 195 21.47 19.15 12.17
CA LYS A 195 20.68 19.66 11.05
C LYS A 195 19.88 18.54 10.40
N PHE A 196 18.66 18.34 10.87
CA PHE A 196 17.78 17.31 10.33
C PHE A 196 17.07 17.83 9.08
N THR A 197 17.24 17.11 7.98
CA THR A 197 16.71 17.50 6.68
C THR A 197 16.23 16.25 5.92
N HIS A 198 15.58 16.45 4.77
CA HIS A 198 15.13 15.34 3.94
C HIS A 198 16.30 14.51 3.40
N GLN A 199 17.46 15.16 3.21
CA GLN A 199 18.65 14.48 2.71
C GLN A 199 19.40 13.72 3.79
N SER A 200 19.19 14.09 5.05
CA SER A 200 19.73 13.34 6.18
C SER A 200 18.89 12.09 6.41
N ASP A 201 17.62 12.17 6.02
CA ASP A 201 16.73 11.01 6.00
C ASP A 201 17.14 10.00 4.93
N VAL A 202 17.76 10.49 3.85
CA VAL A 202 18.27 9.64 2.78
C VAL A 202 19.43 8.78 3.29
N TRP A 203 20.29 9.36 4.11
CA TRP A 203 21.37 8.63 4.77
C TRP A 203 20.78 7.45 5.55
N SER A 204 19.80 7.74 6.38
CA SER A 204 19.14 6.71 7.20
C SER A 204 18.45 5.65 6.34
N TYR A 205 17.98 6.05 5.16
CA TYR A 205 17.41 5.11 4.19
C TYR A 205 18.46 4.11 3.70
N GLY A 206 19.66 4.60 3.41
CA GLY A 206 20.77 3.74 2.99
C GLY A 206 21.15 2.72 4.03
N VAL A 207 21.10 3.12 5.31
CA VAL A 207 21.36 2.21 6.41
C VAL A 207 20.20 1.23 6.56
N THR A 208 18.97 1.73 6.42
CA THR A 208 17.77 0.91 6.51
C THR A 208 17.78 -0.23 5.50
N ILE A 209 18.11 0.10 4.25
CA ILE A 209 18.14 -0.90 3.17
C ILE A 209 19.34 -1.83 3.31
N TRP A 210 20.44 -1.34 3.87
CA TRP A 210 21.61 -2.17 4.20
C TRP A 210 21.23 -3.24 5.20
N GLU A 211 20.44 -2.86 6.21
CA GLU A 211 19.92 -3.79 7.20
C GLU A 211 19.11 -4.89 6.54
N LEU A 212 18.34 -4.51 5.52
CA LEU A 212 17.50 -5.45 4.79
C LEU A 212 18.32 -6.43 3.97
N MET A 213 19.35 -5.92 3.28
CA MET A 213 20.21 -6.76 2.43
C MET A 213 21.03 -7.74 3.24
N THR A 214 21.38 -7.36 4.47
CA THR A 214 22.17 -8.22 5.34
C THR A 214 21.29 -9.16 6.16
N PHE A 215 19.97 -9.02 5.99
CA PHE A 215 18.96 -9.82 6.70
C PHE A 215 18.96 -9.56 8.21
N GLY A 216 19.09 -8.29 8.59
CA GLY A 216 18.97 -7.87 9.99
C GLY A 216 20.29 -7.56 10.65
N GLY A 217 21.29 -7.23 9.84
CA GLY A 217 22.63 -6.97 10.34
C GLY A 217 22.73 -5.68 11.12
N LYS A 218 23.44 -5.74 12.25
CA LYS A 218 23.66 -4.57 13.09
C LYS A 218 24.74 -3.68 12.49
N PRO A 219 24.37 -2.43 12.13
CA PRO A 219 25.33 -1.49 11.55
C PRO A 219 26.54 -1.27 12.47
N TYR A 220 27.73 -1.22 11.87
CA TYR A 220 28.98 -0.95 12.59
C TYR A 220 29.11 -1.82 13.84
N ASP A 221 28.90 -3.12 13.67
CA ASP A 221 28.88 -4.07 14.79
C ASP A 221 30.24 -4.20 15.46
N GLY A 222 30.25 -4.12 16.79
CA GLY A 222 31.48 -4.20 17.58
C GLY A 222 32.24 -2.90 17.65
N ILE A 223 31.61 -1.82 17.18
CA ILE A 223 32.22 -0.49 17.17
C ILE A 223 31.42 0.47 18.07
N PRO A 224 32.11 1.09 19.04
CA PRO A 224 31.46 2.03 19.97
C PRO A 224 30.83 3.25 19.27
N THR A 225 29.94 3.92 19.99
CA THR A 225 29.19 5.06 19.47
C THR A 225 30.06 6.29 19.17
N ARG A 226 30.95 6.63 20.10
CA ARG A 226 31.74 7.87 20.00
C ARG A 226 32.82 7.85 18.92
N GLU A 227 33.08 6.67 18.35
CA GLU A 227 34.08 6.52 17.30
C GLU A 227 33.48 6.53 15.89
N ILE A 228 32.16 6.64 15.81
CA ILE A 228 31.43 6.67 14.54
C ILE A 228 31.77 7.89 13.66
N PRO A 229 31.71 9.11 14.22
CA PRO A 229 31.97 10.31 13.40
C PRO A 229 33.33 10.33 12.72
N ASP A 230 34.39 10.04 13.48
CA ASP A 230 35.75 10.02 12.95
C ASP A 230 35.92 8.92 11.91
N LEU A 231 35.21 7.82 12.11
CA LEU A 231 35.17 6.70 11.17
C LEU A 231 34.62 7.16 9.82
N LEU A 232 33.51 7.89 9.86
CA LEU A 232 32.84 8.37 8.67
C LEU A 232 33.62 9.47 7.94
N GLU A 233 34.45 10.22 8.67
CA GLU A 233 35.25 11.29 8.08
C GLU A 233 36.47 10.78 7.32
N LYS A 234 36.97 9.61 7.74
CA LYS A 234 38.08 8.95 7.05
C LYS A 234 37.65 8.38 5.69
N GLY A 235 36.35 8.17 5.52
CA GLY A 235 35.80 7.67 4.25
C GLY A 235 35.19 6.29 4.37
N GLU A 236 35.37 5.66 5.53
CA GLU A 236 34.88 4.32 5.80
C GLU A 236 33.36 4.30 5.96
N ARG A 237 32.70 3.48 5.14
CA ARG A 237 31.27 3.23 5.25
C ARG A 237 30.99 1.75 5.45
N LEU A 238 29.72 1.42 5.72
CA LEU A 238 29.28 0.03 5.88
C LEU A 238 29.70 -0.81 4.67
N PRO A 239 30.03 -2.10 4.90
CA PRO A 239 30.58 -2.93 3.83
C PRO A 239 29.51 -3.39 2.84
N GLN A 240 29.94 -3.84 1.66
CA GLN A 240 29.05 -4.40 0.66
C GLN A 240 28.41 -5.68 1.20
N PRO A 241 27.06 -5.70 1.28
CA PRO A 241 26.33 -6.85 1.78
C PRO A 241 26.53 -8.06 0.87
N PRO A 242 26.83 -9.24 1.46
CA PRO A 242 27.15 -10.43 0.69
C PRO A 242 26.27 -10.67 -0.55
N ILE A 243 24.97 -10.40 -0.43
CA ILE A 243 24.02 -10.66 -1.53
C ILE A 243 23.86 -9.49 -2.53
N CYS A 244 24.64 -8.43 -2.33
CA CYS A 244 24.56 -7.26 -3.21
C CYS A 244 25.52 -7.31 -4.39
N THR A 245 25.02 -6.88 -5.55
CA THR A 245 25.88 -6.54 -6.68
C THR A 245 26.35 -5.11 -6.47
N ILE A 246 27.51 -4.76 -7.05
CA ILE A 246 28.05 -3.40 -6.93
C ILE A 246 27.04 -2.33 -7.35
N ASP A 247 26.10 -2.72 -8.22
CA ASP A 247 25.04 -1.84 -8.69
C ASP A 247 24.19 -1.29 -7.55
N VAL A 248 23.56 -2.18 -6.79
CA VAL A 248 22.73 -1.80 -5.63
C VAL A 248 23.57 -1.19 -4.51
N TYR A 249 24.83 -1.60 -4.41
CA TYR A 249 25.71 -1.10 -3.36
C TYR A 249 26.19 0.32 -3.61
N MET A 250 26.33 0.70 -4.88
CA MET A 250 26.71 2.07 -5.22
C MET A 250 25.57 3.06 -4.96
N VAL A 251 24.33 2.56 -5.04
CA VAL A 251 23.16 3.35 -4.67
C VAL A 251 23.21 3.64 -3.17
N MET A 252 23.64 2.66 -2.37
CA MET A 252 23.84 2.85 -0.94
C MET A 252 24.95 3.85 -0.64
N VAL A 253 26.11 3.65 -1.29
CA VAL A 253 27.28 4.52 -1.12
C VAL A 253 26.92 5.98 -1.37
N LYS A 254 26.00 6.21 -2.31
CA LYS A 254 25.53 7.56 -2.66
C LYS A 254 24.71 8.20 -1.54
N CYS A 255 24.02 7.36 -0.76
CA CYS A 255 23.21 7.86 0.35
C CYS A 255 24.06 8.32 1.53
N TRP A 256 25.32 7.88 1.55
CA TRP A 256 26.23 8.22 2.64
C TRP A 256 27.27 9.26 2.23
N MET A 257 26.96 10.08 1.24
CA MET A 257 27.88 11.10 0.75
C MET A 257 28.02 12.24 1.77
N ILE A 258 29.23 12.78 1.88
CA ILE A 258 29.53 13.84 2.85
C ILE A 258 28.67 15.08 2.58
N ASP A 259 28.62 15.49 1.32
CA ASP A 259 27.73 16.57 0.89
C ASP A 259 26.30 16.03 0.79
N ALA A 260 25.39 16.70 1.50
CA ALA A 260 23.97 16.31 1.52
C ALA A 260 23.30 16.46 0.16
N ASP A 261 23.70 17.49 -0.59
CA ASP A 261 23.13 17.79 -1.90
C ASP A 261 23.44 16.69 -2.93
N SER A 262 24.61 16.06 -2.78
CA SER A 262 25.09 15.04 -3.70
C SER A 262 24.30 13.74 -3.60
N ARG A 263 23.82 13.42 -2.40
CA ARG A 263 23.00 12.24 -2.14
C ARG A 263 21.76 12.20 -3.04
N PRO A 264 21.23 10.98 -3.33
CA PRO A 264 20.04 10.90 -4.18
C PRO A 264 18.80 11.42 -3.48
N LYS A 265 17.80 11.80 -4.26
CA LYS A 265 16.48 12.18 -3.76
C LYS A 265 15.60 10.94 -3.69
N PHE A 266 14.56 10.98 -2.85
CA PHE A 266 13.65 9.83 -2.71
C PHE A 266 12.89 9.49 -3.98
N LYS A 267 12.78 10.46 -4.89
CA LYS A 267 12.25 10.21 -6.24
C LYS A 267 13.20 9.27 -7.01
N GLU A 268 14.49 9.58 -6.94
CA GLU A 268 15.53 8.82 -7.65
C GLU A 268 15.64 7.38 -7.16
N LEU A 269 15.61 7.22 -5.83
CA LEU A 269 15.75 5.90 -5.18
C LEU A 269 14.60 4.96 -5.53
N ALA A 270 13.37 5.48 -5.42
CA ALA A 270 12.18 4.72 -5.80
C ALA A 270 12.28 4.27 -7.26
N ALA A 271 12.58 5.20 -8.16
CA ALA A 271 12.73 4.92 -9.59
C ALA A 271 13.81 3.87 -9.89
N GLU A 272 14.87 3.86 -9.08
CA GLU A 272 16.00 2.96 -9.30
C GLU A 272 15.71 1.52 -8.85
N PHE A 273 15.16 1.37 -7.66
CA PHE A 273 14.79 0.04 -7.16
C PHE A 273 13.54 -0.51 -7.88
N SER A 274 12.70 0.38 -8.42
CA SER A 274 11.58 -0.02 -9.28
C SER A 274 12.10 -0.67 -10.56
N ARG A 275 13.12 -0.05 -11.14
CA ARG A 275 13.77 -0.52 -12.36
C ARG A 275 14.49 -1.85 -12.10
N MET A 276 15.00 -2.00 -10.87
CA MET A 276 15.64 -3.23 -10.43
C MET A 276 14.64 -4.31 -10.03
N ALA A 277 13.43 -3.89 -9.66
CA ALA A 277 12.37 -4.83 -9.27
C ALA A 277 11.79 -5.59 -10.46
N ARG A 278 12.03 -5.08 -11.67
CA ARG A 278 11.62 -5.75 -12.90
C ARG A 278 12.39 -7.06 -13.11
N ASP A 279 13.71 -6.98 -12.96
CA ASP A 279 14.61 -8.13 -13.05
C ASP A 279 15.38 -8.26 -11.74
N PRO A 280 14.74 -8.88 -10.72
CA PRO A 280 15.25 -8.85 -9.35
C PRO A 280 16.54 -9.64 -9.10
N GLN A 281 16.64 -10.86 -9.62
CA GLN A 281 17.82 -11.69 -9.40
C GLN A 281 19.01 -11.31 -10.30
N ARG A 282 18.88 -10.19 -11.01
CA ARG A 282 19.98 -9.59 -11.75
C ARG A 282 20.76 -8.68 -10.82
N TYR A 283 20.12 -8.22 -9.75
CA TYR A 283 20.71 -7.23 -8.85
C TYR A 283 21.01 -7.76 -7.44
N LEU A 284 20.33 -8.83 -7.04
CA LEU A 284 20.60 -9.48 -5.76
C LEU A 284 20.81 -10.98 -5.99
N VAL A 285 21.94 -11.48 -5.53
CA VAL A 285 22.26 -12.90 -5.67
C VAL A 285 22.14 -13.56 -4.31
N ILE A 286 21.06 -14.32 -4.13
CA ILE A 286 20.87 -15.10 -2.91
C ILE A 286 21.11 -16.59 -3.21
N GLN A 287 21.99 -17.22 -2.44
CA GLN A 287 22.40 -18.58 -2.74
C GLN A 287 21.41 -19.55 -2.15
N ASP A 289 19.31 -22.25 -3.15
CA ASP A 289 18.98 -23.55 -3.73
C ASP A 289 19.96 -24.65 -3.34
N ASP A 290 20.41 -25.43 -4.32
CA ASP A 290 21.54 -26.33 -4.16
C ASP A 290 22.57 -26.02 -5.24
N ARG A 291 22.05 -25.52 -6.35
CA ARG A 291 22.78 -24.95 -7.47
C ARG A 291 23.28 -23.54 -7.13
N MET A 292 24.48 -23.21 -7.58
CA MET A 292 25.05 -21.88 -7.41
C MET A 292 24.49 -20.93 -8.47
N LYS A 293 24.30 -19.67 -8.09
CA LYS A 293 23.90 -18.63 -9.04
C LYS A 293 25.13 -17.86 -9.51
N LEU A 294 25.28 -17.75 -10.83
CA LEU A 294 26.48 -17.13 -11.42
C LEU A 294 26.17 -15.77 -12.05
N PRO A 295 26.76 -14.73 -11.48
CA PRO A 295 26.65 -13.37 -12.00
C PRO A 295 27.42 -13.20 -13.28
N SER A 296 26.86 -12.50 -14.24
CA SER A 296 27.65 -11.85 -15.26
C SER A 296 27.92 -10.42 -14.88
N PRO A 297 29.04 -9.88 -15.34
CA PRO A 297 29.07 -8.51 -15.86
C PRO A 297 29.37 -8.48 -17.35
N GLN B 8 -0.98 -18.27 3.23
CA GLN B 8 -2.02 -19.26 3.66
C GLN B 8 -3.39 -18.61 3.79
N LEU B 9 -4.43 -19.41 3.56
CA LEU B 9 -5.82 -18.98 3.71
C LEU B 9 -6.25 -18.89 5.17
N ARG B 10 -7.54 -19.11 5.41
CA ARG B 10 -8.10 -19.35 6.74
C ARG B 10 -9.46 -20.02 6.58
N ILE B 11 -9.67 -21.09 7.33
CA ILE B 11 -10.96 -21.76 7.35
C ILE B 11 -11.74 -21.20 8.53
N LEU B 12 -12.79 -20.45 8.21
CA LEU B 12 -13.62 -19.82 9.23
C LEU B 12 -14.92 -20.57 9.42
N LYS B 13 -15.36 -20.65 10.68
CA LYS B 13 -16.58 -21.35 11.03
C LYS B 13 -17.80 -20.45 10.86
N GLU B 14 -18.98 -21.06 10.76
CA GLU B 14 -20.24 -20.31 10.64
C GLU B 14 -20.55 -19.58 11.94
N THR B 15 -20.40 -20.29 13.06
CA THR B 15 -20.55 -19.71 14.40
C THR B 15 -19.48 -18.66 14.70
N GLU B 16 -18.43 -18.65 13.88
CA GLU B 16 -17.31 -17.71 14.03
C GLU B 16 -17.62 -16.35 13.42
N LEU B 17 -18.56 -16.32 12.47
CA LEU B 17 -18.93 -15.09 11.78
C LEU B 17 -20.38 -14.72 12.06
N LYS B 18 -20.66 -13.41 12.07
CA LYS B 18 -22.02 -12.91 12.26
C LYS B 18 -22.31 -11.75 11.31
N ARG B 19 -23.33 -11.92 10.47
CA ARG B 19 -23.71 -10.91 9.48
C ARG B 19 -24.56 -9.80 10.11
N VAL B 20 -24.17 -8.56 9.85
CA VAL B 20 -24.85 -7.39 10.42
C VAL B 20 -25.98 -6.92 9.50
N LYS B 21 -25.62 -6.38 8.33
CA LYS B 21 -26.60 -5.87 7.36
C LYS B 21 -26.05 -5.94 5.94
N VAL B 22 -26.95 -5.83 4.97
CA VAL B 22 -26.60 -5.94 3.55
C VAL B 22 -25.97 -4.64 3.04
N LEU B 23 -24.83 -4.76 2.37
CA LEU B 23 -24.14 -3.62 1.76
C LEU B 23 -24.42 -3.53 0.26
N GLY B 24 -24.61 -4.69 -0.37
CA GLY B 24 -24.92 -4.78 -1.79
C GLY B 24 -25.04 -6.22 -2.26
N SER B 25 -25.84 -6.44 -3.30
CA SER B 25 -26.02 -7.77 -3.88
C SER B 25 -25.69 -7.77 -5.37
N GLY B 26 -24.46 -8.20 -5.69
CA GLY B 26 -23.99 -8.26 -7.08
C GLY B 26 -24.54 -9.45 -7.84
N ALA B 27 -24.06 -9.62 -9.07
CA ALA B 27 -24.51 -10.71 -9.95
C ALA B 27 -24.06 -12.08 -9.44
N PHE B 28 -22.91 -12.12 -8.78
CA PHE B 28 -22.35 -13.37 -8.28
C PHE B 28 -22.88 -13.74 -6.90
N GLY B 29 -23.26 -12.73 -6.12
CA GLY B 29 -23.84 -12.96 -4.80
C GLY B 29 -24.11 -11.69 -4.01
N THR B 30 -24.34 -11.87 -2.71
CA THR B 30 -24.63 -10.77 -1.79
C THR B 30 -23.42 -10.47 -0.90
N VAL B 31 -23.16 -9.19 -0.69
CA VAL B 31 -22.06 -8.73 0.17
C VAL B 31 -22.65 -8.19 1.47
N TYR B 32 -22.22 -8.77 2.59
CA TYR B 32 -22.69 -8.38 3.91
C TYR B 32 -21.62 -7.65 4.70
N LYS B 33 -22.04 -6.72 5.55
CA LYS B 33 -21.22 -6.23 6.63
C LYS B 33 -21.24 -7.30 7.71
N GLY B 34 -20.07 -7.64 8.25
CA GLY B 34 -19.99 -8.73 9.22
C GLY B 34 -19.03 -8.53 10.38
N ILE B 35 -19.18 -9.38 11.39
CA ILE B 35 -18.27 -9.41 12.54
C ILE B 35 -17.65 -10.80 12.66
N TRP B 36 -16.32 -10.85 12.69
CA TRP B 36 -15.58 -12.10 12.85
C TRP B 36 -14.98 -12.19 14.26
N VAL B 37 -15.16 -13.35 14.89
CA VAL B 37 -14.70 -13.57 16.26
C VAL B 37 -13.78 -14.80 16.36
N PRO B 38 -12.46 -14.61 16.24
CA PRO B 38 -11.46 -15.67 16.34
C PRO B 38 -11.48 -16.38 17.69
N GLU B 39 -11.02 -17.63 17.70
CA GLU B 39 -10.96 -18.45 18.91
C GLU B 39 -9.86 -17.98 19.84
N THR B 42 -11.27 -13.49 21.33
CA THR B 42 -11.19 -12.34 22.23
C THR B 42 -11.40 -11.00 21.51
N VAL B 43 -11.14 -10.98 20.21
CA VAL B 43 -11.27 -9.77 19.39
C VAL B 43 -12.38 -9.90 18.35
N LYS B 44 -12.92 -8.78 17.90
CA LYS B 44 -14.09 -8.84 17.04
C LYS B 44 -13.99 -7.86 15.90
N ILE B 45 -13.96 -8.38 14.69
CA ILE B 45 -13.30 -7.71 13.59
C ILE B 45 -14.31 -7.37 12.53
N PRO B 46 -14.27 -6.13 12.08
CA PRO B 46 -15.12 -5.68 10.99
C PRO B 46 -14.69 -6.31 9.69
N VAL B 47 -15.57 -7.14 9.14
CA VAL B 47 -15.23 -7.91 7.96
C VAL B 47 -16.34 -7.75 6.95
N ALA B 48 -16.03 -7.95 5.68
CA ALA B 48 -17.09 -8.04 4.67
C ALA B 48 -17.26 -9.49 4.25
N ILE B 49 -18.52 -9.95 4.21
CA ILE B 49 -18.83 -11.34 3.89
C ILE B 49 -19.59 -11.44 2.57
N LYS B 50 -18.94 -12.03 1.57
CA LYS B 50 -19.57 -12.22 0.26
C LYS B 50 -20.09 -13.65 0.10
N ILE B 51 -21.40 -13.83 0.28
CA ILE B 51 -22.06 -15.11 0.03
C ILE B 51 -22.31 -15.27 -1.46
N LEU B 52 -21.79 -16.36 -2.03
CA LEU B 52 -21.88 -16.61 -3.47
C LEU B 52 -23.08 -17.49 -3.81
N ASN B 53 -23.66 -17.28 -4.99
CA ASN B 53 -24.85 -18.00 -5.42
C ASN B 53 -24.64 -18.82 -6.70
N GLU B 54 -25.74 -19.34 -7.25
CA GLU B 54 -25.71 -20.10 -8.51
C GLU B 54 -26.67 -19.52 -9.55
N PRO B 58 -19.89 -22.57 -6.60
CA PRO B 58 -18.73 -23.34 -6.14
C PRO B 58 -19.08 -24.29 -5.00
N LYS B 59 -18.33 -25.38 -4.88
CA LYS B 59 -18.57 -26.39 -3.86
C LYS B 59 -17.29 -26.70 -3.08
N ALA B 60 -17.42 -27.34 -1.91
CA ALA B 60 -16.27 -27.64 -1.06
C ALA B 60 -15.48 -28.86 -1.56
N ASN B 61 -14.63 -28.63 -2.56
CA ASN B 61 -13.81 -29.69 -3.14
C ASN B 61 -12.37 -29.24 -3.45
N VAL B 62 -11.56 -30.18 -3.92
CA VAL B 62 -10.14 -29.95 -4.21
C VAL B 62 -9.91 -28.83 -5.23
N GLU B 63 -10.77 -28.74 -6.23
CA GLU B 63 -10.66 -27.71 -7.28
C GLU B 63 -10.88 -26.31 -6.71
N PHE B 64 -11.91 -26.16 -5.89
CA PHE B 64 -12.22 -24.87 -5.27
C PHE B 64 -11.15 -24.43 -4.26
N MET B 65 -10.70 -25.37 -3.43
CA MET B 65 -9.65 -25.12 -2.45
C MET B 65 -8.37 -24.60 -3.11
N ASP B 66 -8.03 -25.17 -4.27
CA ASP B 66 -6.89 -24.72 -5.07
C ASP B 66 -7.02 -23.26 -5.50
N GLU B 67 -8.23 -22.89 -5.93
CA GLU B 67 -8.51 -21.53 -6.40
C GLU B 67 -8.47 -20.53 -5.25
N ALA B 68 -9.09 -20.91 -4.13
CA ALA B 68 -9.16 -20.05 -2.96
C ALA B 68 -7.77 -19.72 -2.42
N LEU B 69 -6.87 -20.70 -2.48
CA LEU B 69 -5.49 -20.53 -2.03
C LEU B 69 -4.66 -19.56 -2.88
N ILE B 70 -4.80 -19.66 -4.21
CA ILE B 70 -4.04 -18.78 -5.11
C ILE B 70 -4.55 -17.34 -5.07
N MET B 71 -5.81 -17.19 -4.67
CA MET B 71 -6.40 -15.86 -4.45
C MET B 71 -5.95 -15.29 -3.12
N ALA B 72 -5.73 -16.19 -2.15
CA ALA B 72 -5.22 -15.79 -0.84
C ALA B 72 -3.74 -15.43 -0.89
N SER B 73 -3.07 -15.85 -1.97
CA SER B 73 -1.66 -15.53 -2.17
C SER B 73 -1.48 -14.23 -2.94
N MET B 74 -2.58 -13.63 -3.38
CA MET B 74 -2.54 -12.34 -4.08
C MET B 74 -2.23 -11.24 -3.09
N ASP B 75 -0.92 -10.96 -2.94
CA ASP B 75 -0.43 -10.03 -1.92
C ASP B 75 0.17 -8.76 -2.53
N HIS B 76 -0.58 -7.67 -2.48
CA HIS B 76 -0.19 -6.38 -3.05
C HIS B 76 -0.93 -5.23 -2.35
N PRO B 77 -0.24 -4.10 -2.11
CA PRO B 77 -0.85 -2.94 -1.44
C PRO B 77 -2.20 -2.49 -2.03
N HIS B 78 -2.43 -2.80 -3.30
CA HIS B 78 -3.58 -2.27 -4.02
C HIS B 78 -4.50 -3.39 -4.54
N LEU B 79 -4.36 -4.55 -3.91
CA LEU B 79 -5.31 -5.64 -4.06
C LEU B 79 -5.92 -5.95 -2.71
N VAL B 80 -7.22 -6.22 -2.70
CA VAL B 80 -7.86 -6.72 -1.50
C VAL B 80 -7.53 -8.19 -1.44
N ARG B 81 -7.00 -8.64 -0.30
CA ARG B 81 -6.62 -10.02 -0.13
C ARG B 81 -7.74 -10.81 0.56
N LEU B 82 -7.89 -12.08 0.16
CA LEU B 82 -8.84 -13.00 0.77
C LEU B 82 -8.30 -13.48 2.11
N LEU B 83 -8.98 -13.09 3.20
CA LEU B 83 -8.57 -13.48 4.54
C LEU B 83 -8.94 -14.92 4.83
N GLY B 84 -10.20 -15.24 4.58
CA GLY B 84 -10.73 -16.56 4.89
C GLY B 84 -11.96 -16.93 4.11
N VAL B 85 -12.37 -18.19 4.26
CA VAL B 85 -13.52 -18.75 3.57
C VAL B 85 -14.34 -19.56 4.56
N CYS B 86 -15.65 -19.32 4.59
CA CYS B 86 -16.56 -20.17 5.35
C CYS B 86 -17.26 -21.13 4.39
N LEU B 87 -17.42 -22.38 4.81
CA LEU B 87 -17.86 -23.44 3.90
C LEU B 87 -19.32 -23.90 4.07
N SER B 88 -20.03 -23.34 5.05
CA SER B 88 -21.44 -23.66 5.28
C SER B 88 -22.25 -22.41 5.63
N PRO B 89 -23.51 -22.31 5.15
CA PRO B 89 -24.32 -23.25 4.38
C PRO B 89 -23.92 -23.31 2.90
N THR B 90 -23.30 -22.23 2.42
CA THR B 90 -22.73 -22.16 1.09
C THR B 90 -21.40 -21.39 1.26
N ILE B 91 -20.55 -21.42 0.24
CA ILE B 91 -19.24 -20.79 0.30
C ILE B 91 -19.33 -19.27 0.50
N GLN B 92 -18.62 -18.79 1.52
CA GLN B 92 -18.59 -17.37 1.87
C GLN B 92 -17.17 -16.83 1.86
N LEU B 93 -16.91 -15.87 0.97
CA LEU B 93 -15.61 -15.22 0.88
C LEU B 93 -15.51 -14.12 1.93
N VAL B 94 -14.39 -14.07 2.64
CA VAL B 94 -14.23 -13.10 3.74
C VAL B 94 -12.99 -12.23 3.59
N THR B 95 -13.22 -10.91 3.58
CA THR B 95 -12.17 -9.92 3.47
C THR B 95 -12.39 -8.83 4.52
N GLN B 96 -11.32 -8.10 4.86
CA GLN B 96 -11.43 -6.98 5.80
C GLN B 96 -12.33 -5.90 5.25
N LEU B 97 -13.11 -5.30 6.14
CA LEU B 97 -14.07 -4.28 5.77
C LEU B 97 -13.39 -2.99 5.35
N MET B 98 -13.70 -2.52 4.15
CA MET B 98 -13.24 -1.20 3.71
C MET B 98 -14.28 -0.16 4.14
N PRO B 99 -13.84 0.82 4.96
CA PRO B 99 -14.75 1.76 5.64
C PRO B 99 -15.40 2.76 4.69
N HIS B 100 -14.69 3.13 3.62
CA HIS B 100 -15.16 4.17 2.70
C HIS B 100 -15.88 3.61 1.46
N GLY B 101 -15.99 2.29 1.39
CA GLY B 101 -16.74 1.64 0.34
C GLY B 101 -16.05 1.63 -1.01
N CYS B 102 -16.82 1.37 -2.06
CA CYS B 102 -16.28 1.37 -3.42
C CYS B 102 -16.01 2.78 -3.93
N LEU B 103 -14.99 2.90 -4.78
CA LEU B 103 -14.55 4.19 -5.30
C LEU B 103 -15.62 4.92 -6.13
N LEU B 104 -16.55 4.14 -6.70
CA LEU B 104 -17.67 4.68 -7.47
C LEU B 104 -18.57 5.59 -6.64
N GLU B 105 -18.98 5.12 -5.45
CA GLU B 105 -19.82 5.91 -4.55
C GLU B 105 -19.03 7.00 -3.85
N TYR B 106 -17.75 6.74 -3.61
CA TYR B 106 -16.88 7.70 -2.93
C TYR B 106 -16.68 8.96 -3.76
N VAL B 107 -16.36 8.79 -5.04
CA VAL B 107 -16.21 9.94 -5.95
C VAL B 107 -17.54 10.67 -6.20
N HIS B 108 -18.64 9.94 -6.09
CA HIS B 108 -19.99 10.51 -6.13
C HIS B 108 -20.20 11.49 -4.97
N GLU B 109 -19.86 11.03 -3.78
CA GLU B 109 -20.18 11.73 -2.53
C GLU B 109 -19.28 12.94 -2.29
N HIS B 110 -17.99 12.78 -2.55
CA HIS B 110 -17.01 13.81 -2.24
C HIS B 110 -16.53 14.59 -3.47
N LYS B 111 -17.42 14.76 -4.45
CA LYS B 111 -17.13 15.52 -5.69
C LYS B 111 -16.32 16.78 -5.43
N ASP B 112 -16.80 17.58 -4.49
CA ASP B 112 -16.25 18.91 -4.24
C ASP B 112 -14.92 18.90 -3.49
N ASN B 113 -14.61 17.78 -2.83
CA ASN B 113 -13.39 17.69 -2.02
C ASN B 113 -12.34 16.73 -2.57
N ILE B 114 -12.37 16.52 -3.89
CA ILE B 114 -11.39 15.68 -4.57
C ILE B 114 -10.64 16.49 -5.62
N GLY B 115 -9.33 16.63 -5.43
CA GLY B 115 -8.49 17.35 -6.38
C GLY B 115 -7.83 16.44 -7.37
N SER B 116 -6.95 17.01 -8.19
CA SER B 116 -6.24 16.27 -9.22
C SER B 116 -5.22 15.27 -8.66
N GLN B 117 -4.64 15.57 -7.51
CA GLN B 117 -3.65 14.69 -6.88
C GLN B 117 -4.22 13.30 -6.58
N LEU B 118 -5.32 13.28 -5.81
CA LEU B 118 -5.99 12.02 -5.47
C LEU B 118 -6.40 11.24 -6.71
N LEU B 119 -7.03 11.93 -7.66
CA LEU B 119 -7.53 11.33 -8.89
C LEU B 119 -6.42 10.62 -9.65
N LEU B 120 -5.33 11.33 -9.90
CA LEU B 120 -4.17 10.76 -10.60
C LEU B 120 -3.49 9.67 -9.78
N ASN B 121 -3.42 9.85 -8.46
CA ASN B 121 -2.91 8.83 -7.55
C ASN B 121 -3.68 7.51 -7.71
N TRP B 122 -5.01 7.60 -7.73
CA TRP B 122 -5.87 6.43 -7.87
C TRP B 122 -5.68 5.68 -9.18
N CYS B 123 -5.29 6.42 -10.23
CA CYS B 123 -4.98 5.81 -11.54
C CYS B 123 -3.73 4.94 -11.44
N VAL B 124 -2.70 5.44 -10.77
CA VAL B 124 -1.43 4.73 -10.59
C VAL B 124 -1.64 3.46 -9.77
N GLN B 125 -2.38 3.58 -8.67
CA GLN B 125 -2.59 2.48 -7.73
C GLN B 125 -3.39 1.34 -8.35
N ILE B 126 -4.42 1.68 -9.13
CA ILE B 126 -5.18 0.67 -9.87
C ILE B 126 -4.28 0.02 -10.91
N ALA B 127 -3.50 0.83 -11.62
CA ALA B 127 -2.55 0.33 -12.63
C ALA B 127 -1.50 -0.59 -12.02
N LYS B 128 -1.02 -0.23 -10.82
CA LYS B 128 -0.01 -1.02 -10.11
C LYS B 128 -0.57 -2.34 -9.61
N GLY B 129 -1.79 -2.31 -9.10
CA GLY B 129 -2.49 -3.52 -8.69
C GLY B 129 -2.67 -4.45 -9.87
N MET B 130 -3.08 -3.88 -11.00
CA MET B 130 -3.29 -4.65 -12.22
C MET B 130 -1.99 -5.27 -12.73
N MET B 131 -0.88 -4.54 -12.56
CA MET B 131 0.45 -5.02 -12.90
C MET B 131 0.78 -6.32 -12.15
N TYR B 132 0.44 -6.36 -10.87
CA TYR B 132 0.66 -7.52 -10.03
C TYR B 132 -0.14 -8.72 -10.56
N LEU B 133 -1.36 -8.46 -11.01
CA LEU B 133 -2.25 -9.50 -11.54
C LEU B 133 -1.75 -10.06 -12.87
N GLU B 134 -1.18 -9.18 -13.70
CA GLU B 134 -0.58 -9.59 -14.96
C GLU B 134 0.68 -10.42 -14.71
N GLU B 135 1.51 -9.98 -13.77
CA GLU B 135 2.72 -10.72 -13.36
C GLU B 135 2.39 -12.13 -12.90
N ARG B 136 1.25 -12.29 -12.25
CA ARG B 136 0.81 -13.58 -11.74
C ARG B 136 -0.16 -14.29 -12.70
N ARG B 137 -0.32 -13.70 -13.88
CA ARG B 137 -1.11 -14.28 -14.98
C ARG B 137 -2.57 -14.54 -14.61
N LEU B 138 -3.16 -13.58 -13.91
CA LEU B 138 -4.56 -13.64 -13.51
C LEU B 138 -5.33 -12.47 -14.12
N VAL B 139 -6.33 -12.80 -14.92
CA VAL B 139 -7.17 -11.81 -15.58
C VAL B 139 -8.39 -11.49 -14.76
N HIS B 140 -8.67 -10.21 -14.60
CA HIS B 140 -9.65 -9.77 -13.63
C HIS B 140 -11.06 -9.99 -14.15
N ARG B 141 -11.36 -9.35 -15.27
CA ARG B 141 -12.49 -9.74 -16.08
C ARG B 141 -13.70 -8.90 -15.73
N ASP B 142 -13.56 -8.05 -14.72
CA ASP B 142 -14.63 -7.17 -14.30
C ASP B 142 -14.08 -5.94 -13.61
N LEU B 143 -13.05 -5.35 -14.21
CA LEU B 143 -12.46 -4.14 -13.68
C LEU B 143 -13.32 -2.92 -13.96
N ALA B 144 -13.78 -2.28 -12.88
CA ALA B 144 -14.65 -1.12 -12.93
C ALA B 144 -14.49 -0.39 -11.61
N ALA B 145 -14.99 0.84 -11.53
CA ALA B 145 -14.90 1.65 -10.32
C ALA B 145 -15.67 1.06 -9.15
N ARG B 146 -16.68 0.25 -9.45
CA ARG B 146 -17.47 -0.44 -8.42
C ARG B 146 -16.67 -1.54 -7.72
N ASN B 147 -15.63 -2.04 -8.39
CA ASN B 147 -14.77 -3.09 -7.86
C ASN B 147 -13.40 -2.58 -7.40
N VAL B 148 -13.27 -1.26 -7.29
CA VAL B 148 -12.13 -0.65 -6.63
C VAL B 148 -12.61 -0.09 -5.29
N LEU B 149 -12.00 -0.55 -4.20
CA LEU B 149 -12.41 -0.16 -2.85
C LEU B 149 -11.50 0.92 -2.25
N VAL B 150 -12.03 1.67 -1.28
CA VAL B 150 -11.29 2.74 -0.63
C VAL B 150 -10.90 2.35 0.79
N LYS B 151 -9.61 2.14 1.01
CA LYS B 151 -9.07 1.91 2.35
C LYS B 151 -9.00 3.26 3.06
N SER B 152 -8.37 4.22 2.40
CA SER B 152 -8.34 5.60 2.86
C SER B 152 -8.34 6.50 1.61
N PRO B 153 -8.70 7.79 1.77
CA PRO B 153 -8.68 8.73 0.65
C PRO B 153 -7.54 8.51 -0.33
N ASN B 154 -6.32 8.33 0.17
CA ASN B 154 -5.12 8.15 -0.67
C ASN B 154 -4.69 6.67 -0.88
N HIS B 155 -5.55 5.73 -0.50
CA HIS B 155 -5.23 4.31 -0.61
C HIS B 155 -6.41 3.47 -1.14
N VAL B 156 -6.34 3.11 -2.41
CA VAL B 156 -7.35 2.25 -3.02
C VAL B 156 -6.86 0.82 -3.25
N LYS B 157 -7.81 -0.11 -3.36
CA LYS B 157 -7.53 -1.53 -3.61
C LYS B 157 -8.55 -2.11 -4.59
N ILE B 158 -8.08 -3.00 -5.46
CA ILE B 158 -8.96 -3.68 -6.42
C ILE B 158 -9.57 -4.95 -5.82
N THR B 159 -10.86 -5.17 -6.08
CA THR B 159 -11.56 -6.41 -5.67
C THR B 159 -12.13 -7.19 -6.83
N ASP B 160 -12.56 -8.42 -6.53
CA ASP B 160 -13.32 -9.30 -7.44
C ASP B 160 -12.57 -9.75 -8.70
N PHE B 161 -11.24 -9.84 -8.60
CA PHE B 161 -10.43 -10.34 -9.72
C PHE B 161 -10.58 -11.86 -9.89
N GLY B 162 -10.79 -12.28 -11.13
CA GLY B 162 -10.93 -13.70 -11.47
C GLY B 162 -11.91 -14.45 -10.62
N LEU B 163 -13.13 -13.90 -10.49
CA LEU B 163 -14.15 -14.46 -9.62
C LEU B 163 -14.88 -15.63 -10.30
N ALA B 164 -14.77 -15.71 -11.62
CA ALA B 164 -15.32 -16.83 -12.39
C ALA B 164 -14.61 -18.14 -12.04
N ARG B 165 -13.38 -18.03 -11.54
CA ARG B 165 -12.60 -19.17 -11.09
C ARG B 165 -13.09 -19.65 -9.72
N PRO B 182 -21.81 -6.67 -17.50
CA PRO B 182 -20.89 -5.53 -17.48
C PRO B 182 -20.38 -5.19 -18.88
N ILE B 183 -21.30 -5.21 -19.86
CA ILE B 183 -20.97 -4.98 -21.27
C ILE B 183 -20.34 -3.62 -21.55
N LYS B 184 -20.74 -2.61 -20.78
CA LYS B 184 -20.26 -1.23 -20.97
C LYS B 184 -18.82 -1.04 -20.50
N TRP B 185 -18.27 -2.06 -19.84
CA TRP B 185 -16.89 -2.03 -19.36
C TRP B 185 -16.01 -3.01 -20.13
N MET B 186 -16.63 -3.75 -21.05
CA MET B 186 -15.96 -4.82 -21.78
C MET B 186 -15.30 -4.36 -23.09
N ALA B 187 -14.18 -4.98 -23.42
CA ALA B 187 -13.51 -4.77 -24.70
C ALA B 187 -14.35 -5.40 -25.82
N LEU B 188 -14.13 -4.94 -27.05
CA LEU B 188 -14.89 -5.41 -28.20
C LEU B 188 -14.77 -6.92 -28.43
N GLU B 189 -13.55 -7.45 -28.27
CA GLU B 189 -13.29 -8.88 -28.50
C GLU B 189 -13.85 -9.80 -27.40
N CYS B 190 -14.26 -9.22 -26.28
CA CYS B 190 -14.89 -9.97 -25.19
C CYS B 190 -16.39 -10.10 -25.42
N ILE B 191 -16.98 -9.09 -26.05
CA ILE B 191 -18.41 -9.09 -26.34
C ILE B 191 -18.73 -10.10 -27.44
N HIS B 192 -17.85 -10.19 -28.44
CA HIS B 192 -18.05 -11.09 -29.58
C HIS B 192 -17.54 -12.51 -29.33
N TYR B 193 -16.28 -12.63 -28.93
CA TYR B 193 -15.62 -13.94 -28.85
C TYR B 193 -15.22 -14.35 -27.43
N ARG B 194 -15.49 -13.47 -26.46
CA ARG B 194 -15.20 -13.71 -25.04
C ARG B 194 -13.73 -14.01 -24.72
N LYS B 195 -12.82 -13.41 -25.48
CA LYS B 195 -11.40 -13.56 -25.23
C LYS B 195 -10.96 -12.54 -24.17
N PHE B 196 -11.08 -12.94 -22.91
CA PHE B 196 -10.66 -12.10 -21.80
C PHE B 196 -9.15 -12.20 -21.61
N THR B 197 -8.46 -11.08 -21.81
CA THR B 197 -7.02 -11.01 -21.61
C THR B 197 -6.65 -9.81 -20.75
N HIS B 198 -5.35 -9.60 -20.54
CA HIS B 198 -4.84 -8.47 -19.77
C HIS B 198 -5.05 -7.17 -20.56
N GLN B 199 -5.14 -7.30 -21.88
CA GLN B 199 -5.40 -6.16 -22.76
C GLN B 199 -6.89 -5.80 -22.77
N SER B 200 -7.74 -6.80 -22.52
CA SER B 200 -9.16 -6.56 -22.28
C SER B 200 -9.34 -5.79 -20.98
N ASP B 201 -8.51 -6.12 -19.99
CA ASP B 201 -8.49 -5.41 -18.71
C ASP B 201 -8.02 -3.96 -18.88
N VAL B 202 -7.16 -3.73 -19.88
CA VAL B 202 -6.68 -2.38 -20.22
C VAL B 202 -7.83 -1.50 -20.73
N TRP B 203 -8.74 -2.11 -21.48
CA TRP B 203 -9.96 -1.44 -21.92
C TRP B 203 -10.80 -1.06 -20.70
N SER B 204 -10.99 -2.03 -19.81
CA SER B 204 -11.76 -1.84 -18.59
C SER B 204 -11.18 -0.72 -17.74
N TYR B 205 -9.86 -0.74 -17.57
CA TYR B 205 -9.11 0.30 -16.85
C TYR B 205 -9.40 1.68 -17.45
N GLY B 206 -9.43 1.74 -18.78
CA GLY B 206 -9.74 2.97 -19.50
C GLY B 206 -11.11 3.51 -19.14
N VAL B 207 -12.10 2.63 -19.09
CA VAL B 207 -13.46 3.01 -18.72
C VAL B 207 -13.51 3.40 -17.24
N THR B 208 -12.81 2.63 -16.41
CA THR B 208 -12.74 2.87 -14.97
C THR B 208 -12.26 4.27 -14.65
N ILE B 209 -11.16 4.69 -15.28
CA ILE B 209 -10.59 6.01 -15.00
C ILE B 209 -11.45 7.12 -15.57
N TRP B 210 -12.12 6.83 -16.69
CA TRP B 210 -13.14 7.72 -17.25
C TRP B 210 -14.25 7.95 -16.24
N GLU B 211 -14.60 6.89 -15.49
CA GLU B 211 -15.61 6.97 -14.42
C GLU B 211 -15.17 7.95 -13.33
N LEU B 212 -13.90 7.84 -12.93
CA LEU B 212 -13.35 8.67 -11.86
C LEU B 212 -13.31 10.14 -12.24
N MET B 213 -12.79 10.42 -13.44
CA MET B 213 -12.63 11.79 -13.95
C MET B 213 -13.96 12.51 -14.04
N THR B 214 -15.02 11.79 -14.41
CA THR B 214 -16.36 12.36 -14.50
C THR B 214 -17.07 12.35 -13.15
N PHE B 215 -16.37 11.88 -12.11
CA PHE B 215 -16.88 11.80 -10.74
C PHE B 215 -18.04 10.81 -10.59
N GLY B 216 -17.86 9.61 -11.14
CA GLY B 216 -18.88 8.57 -11.10
C GLY B 216 -19.92 8.68 -12.20
N GLY B 217 -19.51 9.16 -13.36
CA GLY B 217 -20.40 9.26 -14.52
C GLY B 217 -20.72 7.88 -15.09
N LYS B 218 -21.99 7.66 -15.40
CA LYS B 218 -22.42 6.39 -15.97
C LYS B 218 -22.07 6.33 -17.47
N PRO B 219 -21.24 5.34 -17.85
CA PRO B 219 -20.74 5.22 -19.22
C PRO B 219 -21.85 4.92 -20.23
N TYR B 220 -21.79 5.57 -21.39
CA TYR B 220 -22.78 5.43 -22.47
C TYR B 220 -24.22 5.61 -21.95
N ASP B 221 -24.40 6.58 -21.06
CA ASP B 221 -25.67 6.79 -20.36
C ASP B 221 -26.83 7.06 -21.31
N GLY B 222 -27.90 6.29 -21.16
CA GLY B 222 -29.09 6.41 -22.01
C GLY B 222 -28.98 5.70 -23.34
N ILE B 223 -27.98 4.82 -23.47
CA ILE B 223 -27.78 4.01 -24.67
C ILE B 223 -27.98 2.54 -24.35
N PRO B 224 -28.84 1.84 -25.13
CA PRO B 224 -29.06 0.40 -24.97
C PRO B 224 -27.75 -0.40 -25.08
N THR B 225 -27.66 -1.47 -24.29
CA THR B 225 -26.44 -2.27 -24.19
C THR B 225 -26.08 -2.99 -25.48
N ARG B 226 -27.08 -3.64 -26.09
CA ARG B 226 -26.87 -4.38 -27.34
C ARG B 226 -26.55 -3.49 -28.54
N GLU B 227 -26.64 -2.17 -28.33
CA GLU B 227 -26.35 -1.19 -29.38
C GLU B 227 -24.90 -0.71 -29.33
N ILE B 228 -24.22 -1.00 -28.23
CA ILE B 228 -22.83 -0.54 -28.02
C ILE B 228 -21.78 -1.19 -28.94
N PRO B 229 -21.84 -2.53 -29.16
CA PRO B 229 -20.84 -3.17 -30.02
C PRO B 229 -20.62 -2.49 -31.38
N ASP B 230 -21.70 -2.27 -32.15
CA ASP B 230 -21.57 -1.63 -33.45
C ASP B 230 -21.28 -0.12 -33.37
N LEU B 231 -21.66 0.51 -32.25
CA LEU B 231 -21.27 1.90 -31.98
C LEU B 231 -19.76 2.02 -31.80
N LEU B 232 -19.16 1.02 -31.14
CA LEU B 232 -17.72 0.96 -30.97
C LEU B 232 -17.01 0.76 -32.31
N GLU B 233 -17.63 -0.04 -33.18
CA GLU B 233 -17.07 -0.34 -34.49
C GLU B 233 -16.99 0.89 -35.38
N LYS B 234 -17.95 1.80 -35.22
CA LYS B 234 -17.99 3.06 -35.95
C LYS B 234 -16.94 4.07 -35.45
N GLY B 235 -16.18 3.68 -34.44
CA GLY B 235 -15.13 4.53 -33.88
C GLY B 235 -15.59 5.45 -32.77
N GLU B 236 -16.84 5.31 -32.35
CA GLU B 236 -17.40 6.14 -31.29
C GLU B 236 -16.91 5.68 -29.90
N ARG B 237 -16.45 6.63 -29.10
CA ARG B 237 -15.95 6.35 -27.77
C ARG B 237 -16.58 7.28 -26.72
N LEU B 238 -16.25 7.04 -25.45
CA LEU B 238 -16.68 7.88 -24.34
C LEU B 238 -16.04 9.26 -24.46
N PRO B 239 -16.83 10.33 -24.22
CA PRO B 239 -16.35 11.69 -24.46
C PRO B 239 -15.30 12.18 -23.46
N GLN B 240 -14.53 13.19 -23.84
CA GLN B 240 -13.53 13.80 -22.96
C GLN B 240 -14.18 14.43 -21.72
N PRO B 241 -13.86 13.89 -20.54
CA PRO B 241 -14.35 14.40 -19.25
C PRO B 241 -14.03 15.88 -19.10
N PRO B 242 -14.99 16.67 -18.58
CA PRO B 242 -14.85 18.13 -18.44
C PRO B 242 -13.56 18.60 -17.77
N ILE B 243 -12.97 17.77 -16.90
CA ILE B 243 -11.82 18.22 -16.11
C ILE B 243 -10.44 17.75 -16.56
N CYS B 244 -10.36 16.86 -17.56
CA CYS B 244 -9.04 16.36 -17.95
C CYS B 244 -8.57 16.84 -19.31
N THR B 245 -7.30 17.21 -19.37
CA THR B 245 -6.64 17.65 -20.61
C THR B 245 -6.58 16.55 -21.67
N ILE B 246 -6.29 16.95 -22.90
CA ILE B 246 -6.20 16.02 -24.03
C ILE B 246 -5.11 14.95 -23.83
N ASP B 247 -4.08 15.29 -23.04
CA ASP B 247 -3.03 14.34 -22.68
C ASP B 247 -3.61 13.11 -21.98
N VAL B 248 -4.40 13.34 -20.94
CA VAL B 248 -5.04 12.26 -20.18
C VAL B 248 -6.08 11.53 -21.03
N TYR B 249 -6.81 12.30 -21.83
CA TYR B 249 -7.84 11.73 -22.70
C TYR B 249 -7.25 10.79 -23.74
N MET B 250 -6.11 11.15 -24.31
CA MET B 250 -5.41 10.29 -25.27
C MET B 250 -5.10 8.93 -24.66
N VAL B 251 -4.69 8.92 -23.39
CA VAL B 251 -4.40 7.68 -22.68
C VAL B 251 -5.66 6.82 -22.57
N MET B 252 -6.80 7.46 -22.32
CA MET B 252 -8.09 6.78 -22.32
C MET B 252 -8.40 6.17 -23.69
N VAL B 253 -8.27 6.98 -24.74
CA VAL B 253 -8.54 6.53 -26.11
C VAL B 253 -7.64 5.36 -26.49
N LYS B 254 -6.35 5.47 -26.17
CA LYS B 254 -5.39 4.41 -26.42
C LYS B 254 -5.80 3.07 -25.80
N CYS B 255 -6.47 3.15 -24.65
CA CYS B 255 -7.00 1.97 -23.97
C CYS B 255 -8.16 1.31 -24.72
N TRP B 256 -8.78 2.05 -25.63
CA TRP B 256 -9.97 1.56 -26.33
C TRP B 256 -9.75 1.27 -27.81
N MET B 257 -8.50 0.99 -28.19
CA MET B 257 -8.19 0.62 -29.56
C MET B 257 -8.77 -0.76 -29.89
N ILE B 258 -9.15 -0.94 -31.16
CA ILE B 258 -9.71 -2.20 -31.64
C ILE B 258 -8.69 -3.33 -31.53
N ASP B 259 -7.46 -3.03 -31.92
CA ASP B 259 -6.34 -3.96 -31.77
C ASP B 259 -5.88 -3.99 -30.32
N ALA B 260 -5.98 -5.16 -29.70
CA ALA B 260 -5.61 -5.35 -28.29
C ALA B 260 -4.13 -5.11 -28.05
N ASP B 261 -3.30 -5.47 -29.02
CA ASP B 261 -1.85 -5.32 -28.93
C ASP B 261 -1.41 -3.85 -28.85
N SER B 262 -2.00 -3.00 -29.69
CA SER B 262 -1.59 -1.59 -29.74
C SER B 262 -2.01 -0.79 -28.52
N ARG B 263 -2.98 -1.32 -27.75
CA ARG B 263 -3.33 -0.76 -26.45
C ARG B 263 -2.10 -0.77 -25.56
N PRO B 264 -1.94 0.26 -24.71
CA PRO B 264 -0.82 0.28 -23.76
C PRO B 264 -0.88 -0.87 -22.75
N LYS B 265 0.26 -1.22 -22.19
CA LYS B 265 0.34 -2.20 -21.10
C LYS B 265 0.29 -1.48 -19.75
N PHE B 266 -0.14 -2.21 -18.71
CA PHE B 266 -0.33 -1.62 -17.38
C PHE B 266 0.91 -0.96 -16.79
N LYS B 267 2.08 -1.40 -17.21
CA LYS B 267 3.34 -0.77 -16.78
C LYS B 267 3.48 0.63 -17.37
N GLU B 268 3.13 0.77 -18.65
CA GLU B 268 3.12 2.07 -19.34
C GLU B 268 2.07 3.03 -18.74
N LEU B 269 0.90 2.49 -18.40
CA LEU B 269 -0.15 3.28 -17.74
C LEU B 269 0.31 3.77 -16.38
N ALA B 270 0.88 2.87 -15.59
CA ALA B 270 1.44 3.21 -14.28
C ALA B 270 2.49 4.30 -14.40
N ALA B 271 3.42 4.12 -15.33
CA ALA B 271 4.53 5.04 -15.55
C ALA B 271 4.09 6.41 -16.06
N GLU B 272 3.04 6.43 -16.89
CA GLU B 272 2.56 7.67 -17.50
C GLU B 272 1.72 8.48 -16.53
N PHE B 273 0.91 7.80 -15.71
CA PHE B 273 0.12 8.50 -14.72
C PHE B 273 0.96 8.90 -13.51
N SER B 274 2.02 8.14 -13.26
CA SER B 274 2.92 8.43 -12.16
C SER B 274 3.66 9.75 -12.35
N ARG B 275 4.07 10.03 -13.60
CA ARG B 275 4.74 11.29 -13.93
C ARG B 275 3.78 12.47 -13.95
N MET B 276 2.49 12.19 -14.20
CA MET B 276 1.46 13.21 -14.12
C MET B 276 1.12 13.55 -12.68
N ALA B 277 1.34 12.60 -11.78
CA ALA B 277 1.14 12.81 -10.34
C ALA B 277 2.17 13.75 -9.72
N ARG B 278 3.30 13.94 -10.39
CA ARG B 278 4.36 14.85 -9.94
C ARG B 278 3.99 16.31 -10.18
N ASP B 279 3.02 16.52 -11.08
CA ASP B 279 2.49 17.84 -11.40
C ASP B 279 1.00 17.72 -11.81
N PRO B 280 0.13 17.40 -10.83
CA PRO B 280 -1.28 17.08 -11.09
C PRO B 280 -2.12 18.19 -11.77
N GLN B 281 -1.97 19.44 -11.32
CA GLN B 281 -2.78 20.56 -11.83
C GLN B 281 -2.45 20.93 -13.28
N ARG B 282 -1.48 20.22 -13.85
CA ARG B 282 -1.11 20.40 -15.25
C ARG B 282 -1.95 19.47 -16.14
N TYR B 283 -2.44 18.39 -15.54
CA TYR B 283 -3.13 17.35 -16.29
C TYR B 283 -4.61 17.18 -15.94
N LEU B 284 -5.03 17.71 -14.80
CA LEU B 284 -6.46 17.86 -14.48
C LEU B 284 -6.79 19.28 -14.00
N VAL B 285 -7.86 19.84 -14.56
CA VAL B 285 -8.30 21.19 -14.21
C VAL B 285 -9.62 21.13 -13.45
N ILE B 286 -9.55 21.35 -12.15
CA ILE B 286 -10.74 21.32 -11.28
C ILE B 286 -11.11 22.73 -10.80
N GLN B 287 -12.36 23.11 -11.01
CA GLN B 287 -12.84 24.46 -10.66
C GLN B 287 -13.02 24.66 -9.16
C14 FMM C . 7.14 -4.20 17.58
C15 FMM C . 6.52 -5.37 17.14
C16 FMM C . 5.26 -5.31 16.56
C17 FMM C . 4.61 -4.09 16.42
N18 FMM C . 3.38 -4.03 15.86
C19 FMM C . 2.74 -2.86 15.71
N20 FMM C . 3.31 -1.72 16.12
C21 FMM C . 4.54 -1.70 16.69
N22 FMM C . 5.12 -0.53 17.11
C23 FMM C . 4.50 0.73 16.99
C24 FMM C . 5.04 1.68 16.12
C25 FMM C . 4.44 2.93 16.00
C26 FMM C . 3.30 3.25 16.75
O27 FMM C . 2.69 4.47 16.63
C28 FMM C . 3.39 5.70 16.79
C29 FMM C . 3.15 6.60 15.60
C30 FMM C . 2.00 6.45 14.82
C31 FMM C . 1.79 7.29 13.72
C32 FMM C . 2.73 8.28 13.40
C33 FMM C . 3.87 8.42 14.18
F34 FMM C . 4.78 9.37 13.87
C35 FMM C . 4.09 7.59 15.28
C36 FMM C . 2.77 2.29 17.61
CL3 FMM C . 1.30 2.69 18.58
C38 FMM C . 3.37 1.05 17.73
C39 FMM C . 5.22 -2.91 16.86
C40 FMM C . 6.49 -2.97 17.43
C12 FMM D . -20.35 -1.67 -1.34
C14 FMM D . -19.21 -2.02 -0.44
C15 FMM D . -18.83 -1.15 0.58
C16 FMM D . -17.76 -1.47 1.42
C17 FMM D . -17.08 -2.67 1.24
N18 FMM D . -16.04 -2.99 2.06
C19 FMM D . -15.37 -4.14 1.90
N20 FMM D . -15.72 -5.01 0.93
C21 FMM D . -16.75 -4.75 0.08
N22 FMM D . -17.09 -5.63 -0.91
C23 FMM D . -16.40 -6.85 -1.08
C24 FMM D . -15.65 -7.04 -2.24
C25 FMM D . -14.97 -8.25 -2.42
C26 FMM D . -15.04 -9.25 -1.45
O27 FMM D . -14.37 -10.44 -1.62
C28 FMM D . -14.35 -11.13 -2.86
C29 FMM D . -12.92 -11.23 -3.35
C30 FMM D . -11.85 -11.16 -2.47
C31 FMM D . -10.55 -11.25 -2.93
C32 FMM D . -10.31 -11.42 -4.30
C33 FMM D . -11.38 -11.49 -5.19
F34 FMM D . -11.16 -11.65 -6.51
C35 FMM D . -12.68 -11.40 -4.71
C36 FMM D . -15.79 -9.06 -0.30
CL3 FMM D . -15.86 -10.36 0.92
C38 FMM D . -16.48 -7.86 -0.12
C39 FMM D . -17.46 -3.55 0.23
C40 FMM D . -18.53 -3.23 -0.62
#